data_5ERW
#
_entry.id   5ERW
#
_cell.length_a   37.700
_cell.length_b   101.240
_cell.length_c   180.320
_cell.angle_alpha   90.000
_cell.angle_beta   90.000
_cell.angle_gamma   90.000
#
_symmetry.space_group_name_H-M   'P 2 21 21'
#
loop_
_entity.id
_entity.type
_entity.pdbx_description
1 polymer 'Anti-HCV E2 Fab HC84-26 heavy chain'
2 polymer 'Anti-HCV E2 Fab HC84-26 light chain'
3 polymer 'HCV E2 glycoprotein Epitope II'
4 water water
#
loop_
_entity_poly.entity_id
_entity_poly.type
_entity_poly.pdbx_seq_one_letter_code
_entity_poly.pdbx_strand_id
1 'polypeptide(L)'
;MQVQLVQSGAEVKKPGSSVKVSCEASGGTLSNYVITWVRQAPGQGLEWMGGFIPTFRTAMYAQGFQGRVTITADESTSIA
YMELTNLRSEDTAVYYCARGPLSRGYYDYWGQGTLVTVSSAKTTAPSVYPLAPVCGDTTGSSVTLGCLVKGYFPEPVTLT
WNSGSLSSGVHTFPAVLQSDLYTLSSSVTVTSSTWPSQSITCNVAHPASSTKVDKKI
;
A
2 'polypeptide(L)'
;MSYVLTQPPSVSVAPGKTARITCGGNNIGSKSVHWYQQKPGQAPVLVVYDDSDRPSGIPERFSGSNSGNTATLTISRVEA
GDEADYYCQVWDSSSVVFGGWTKLTVLRADAAPTVSIFPPSSEQLTSGGASVVCFLNNFYPKDINVKWKIDGSERQNGVL
NSWTDQDSKDSTYSMSSTLTLTKDEYERHNSYTCEATHKTSTSPIVKSFNRNEC
;
B
3 'polypeptide(L)' NTGWLAGLFYQHK C
#
# COMPACT_ATOMS: atom_id res chain seq x y z
N MET A 1 -25.03 -10.36 8.57
CA MET A 1 -23.73 -9.84 8.26
C MET A 1 -23.02 -9.55 9.53
N GLN A 2 -21.71 -9.45 9.46
CA GLN A 2 -20.97 -8.98 10.60
C GLN A 2 -20.52 -7.61 10.27
N VAL A 3 -20.52 -6.79 11.28
CA VAL A 3 -20.27 -5.38 11.22
C VAL A 3 -19.19 -5.01 10.26
N GLN A 4 -19.45 -3.99 9.47
CA GLN A 4 -18.38 -3.49 8.63
C GLN A 4 -18.18 -2.01 8.93
N LEU A 5 -16.97 -1.65 9.37
CA LEU A 5 -16.65 -0.26 9.64
C LEU A 5 -16.30 0.45 8.34
N VAL A 6 -17.03 1.52 8.03
CA VAL A 6 -16.78 2.26 6.80
C VAL A 6 -16.48 3.73 7.05
N GLN A 7 -15.32 4.15 6.53
CA GLN A 7 -14.81 5.51 6.70
C GLN A 7 -15.17 6.39 5.49
N SER A 8 -15.26 7.70 5.72
CA SER A 8 -15.46 8.68 4.63
C SER A 8 -14.26 8.71 3.67
N GLY A 9 -14.40 9.47 2.60
CA GLY A 9 -13.42 9.40 1.51
C GLY A 9 -12.14 10.18 1.70
N ALA A 10 -11.19 9.94 0.79
CA ALA A 10 -9.91 10.63 0.82
C ALA A 10 -10.16 12.13 0.86
N GLU A 11 -9.35 12.86 1.64
CA GLU A 11 -9.51 14.32 1.76
C GLU A 11 -8.21 15.09 1.36
N VAL A 12 -8.38 16.33 0.91
CA VAL A 12 -7.23 17.22 0.74
C VAL A 12 -7.43 18.48 1.57
N LYS A 13 -6.42 18.84 2.35
CA LYS A 13 -6.52 20.03 3.20
C LYS A 13 -5.23 20.83 3.17
N LYS A 14 -5.35 22.15 3.26
CA LYS A 14 -4.18 23.02 3.24
C LYS A 14 -3.73 23.24 4.68
N PRO A 15 -2.40 23.39 4.89
CA PRO A 15 -1.87 23.48 6.26
C PRO A 15 -2.64 24.52 7.10
N GLY A 16 -2.81 24.26 8.39
CA GLY A 16 -3.52 25.18 9.26
C GLY A 16 -4.98 24.82 9.46
N SER A 17 -5.53 24.03 8.53
CA SER A 17 -6.96 23.70 8.58
C SER A 17 -7.30 22.46 9.42
N SER A 18 -8.57 22.06 9.36
CA SER A 18 -9.08 20.88 10.06
C SER A 18 -9.56 19.77 9.08
N VAL A 19 -9.58 18.53 9.56
CA VAL A 19 -10.10 17.40 8.80
C VAL A 19 -10.95 16.55 9.76
N LYS A 20 -12.04 15.94 9.27
CA LYS A 20 -12.90 15.11 10.12
C LYS A 20 -13.33 13.85 9.37
N VAL A 21 -12.78 12.70 9.75
CA VAL A 21 -13.11 11.46 9.04
C VAL A 21 -14.20 10.71 9.80
N SER A 22 -15.12 10.06 9.05
CA SER A 22 -16.28 9.38 9.64
C SER A 22 -16.01 7.89 9.75
N CYS A 23 -16.54 7.23 10.78
CA CYS A 23 -16.40 5.78 10.87
C CYS A 23 -17.73 5.13 11.27
N GLU A 24 -18.49 4.68 10.25
CA GLU A 24 -19.82 4.08 10.45
C GLU A 24 -19.78 2.54 10.60
N ALA A 25 -20.47 2.02 11.63
CA ALA A 25 -20.58 0.57 11.88
C ALA A 25 -21.67 -0.08 11.01
N SER A 26 -21.48 -0.05 9.70
CA SER A 26 -22.43 -0.61 8.79
C SER A 26 -22.79 -1.94 9.35
N GLY A 27 -24.05 -2.15 9.62
CA GLY A 27 -24.52 -3.38 10.21
C GLY A 27 -24.18 -3.77 11.63
N GLY A 28 -24.14 -2.78 12.52
CA GLY A 28 -23.78 -2.98 13.91
C GLY A 28 -23.72 -1.68 14.71
N THR A 29 -23.05 -1.72 15.84
CA THR A 29 -23.07 -0.62 16.76
C THR A 29 -21.73 -0.23 17.34
N LEU A 30 -21.67 0.98 17.87
CA LEU A 30 -20.47 1.48 18.50
C LEU A 30 -20.69 1.62 19.98
N SER A 31 -21.71 0.97 20.50
CA SER A 31 -22.06 1.20 21.87
C SER A 31 -21.61 0.07 22.72
N ASN A 32 -21.00 0.41 23.84
CA ASN A 32 -20.17 -0.49 24.65
C ASN A 32 -19.09 -1.28 23.88
N TYR A 33 -18.51 -0.59 22.91
CA TYR A 33 -17.28 -1.03 22.25
C TYR A 33 -16.26 0.08 22.38
N VAL A 34 -14.99 -0.26 22.24
CA VAL A 34 -13.94 0.74 22.19
C VAL A 34 -13.75 1.13 20.73
N ILE A 35 -13.90 2.42 20.45
CA ILE A 35 -13.60 2.91 19.11
C ILE A 35 -12.19 3.55 19.15
N THR A 36 -11.36 3.14 18.20
CA THR A 36 -9.97 3.55 18.20
C THR A 36 -9.59 4.12 16.85
N TRP A 37 -8.78 5.19 16.83
CA TRP A 37 -8.16 5.64 15.58
C TRP A 37 -6.66 5.50 15.60
N VAL A 38 -6.13 5.15 14.43
CA VAL A 38 -4.72 4.80 14.22
C VAL A 38 -4.26 5.38 12.91
N ARG A 39 -3.06 5.96 12.85
CA ARG A 39 -2.63 6.39 11.52
C ARG A 39 -1.31 5.78 11.04
N GLN A 40 -0.98 6.09 9.79
CA GLN A 40 0.13 5.47 9.12
C GLN A 40 0.63 6.41 8.04
N ALA A 41 1.78 7.04 8.28
CA ALA A 41 2.42 7.80 7.21
C ALA A 41 2.95 6.79 6.19
N PRO A 42 3.03 7.21 4.90
CA PRO A 42 3.39 6.28 3.81
C PRO A 42 4.76 5.68 4.03
N GLY A 43 4.89 4.37 3.85
CA GLY A 43 6.17 3.70 4.07
C GLY A 43 6.46 3.35 5.53
N GLN A 44 5.85 4.07 6.47
CA GLN A 44 6.09 3.84 7.89
C GLN A 44 4.96 3.02 8.54
N GLY A 45 4.98 2.89 9.86
CA GLY A 45 4.11 1.94 10.55
C GLY A 45 2.91 2.54 11.26
N LEU A 46 2.34 1.78 12.18
CA LEU A 46 1.10 2.22 12.83
C LEU A 46 1.38 3.08 14.06
N GLU A 47 0.54 4.10 14.19
CA GLU A 47 0.66 5.16 15.16
C GLU A 47 -0.73 5.31 15.80
N TRP A 48 -0.90 4.83 17.03
CA TRP A 48 -2.16 5.01 17.73
C TRP A 48 -2.48 6.49 17.93
N MET A 49 -3.72 6.90 17.68
CA MET A 49 -4.08 8.29 17.94
C MET A 49 -4.93 8.47 19.21
N GLY A 50 -5.88 7.56 19.42
CA GLY A 50 -6.71 7.64 20.60
C GLY A 50 -7.72 6.53 20.65
N GLY A 51 -8.31 6.33 21.81
CA GLY A 51 -9.47 5.47 21.96
C GLY A 51 -10.62 6.29 22.51
N PHE A 52 -11.84 5.77 22.42
CA PHE A 52 -13.04 6.47 22.88
C PHE A 52 -14.16 5.48 23.18
N ILE A 53 -14.81 5.60 24.33
CA ILE A 53 -15.98 4.75 24.59
C ILE A 53 -17.24 5.58 24.64
N PRO A 54 -17.99 5.62 23.56
CA PRO A 54 -19.14 6.52 23.49
C PRO A 54 -20.09 6.33 24.63
N THR A 55 -20.08 5.14 25.18
CA THR A 55 -21.02 4.72 26.18
C THR A 55 -20.51 5.04 27.55
N PHE A 56 -19.37 5.66 27.62
CA PHE A 56 -18.84 6.10 28.89
C PHE A 56 -18.41 7.51 28.82
N ARG A 57 -18.39 8.07 27.64
CA ARG A 57 -17.99 9.45 27.46
C ARG A 57 -16.62 9.68 28.05
N THR A 58 -15.73 8.74 27.84
CA THR A 58 -14.36 8.89 28.23
C THR A 58 -13.49 8.59 27.05
N ALA A 59 -12.40 9.31 26.94
CA ALA A 59 -11.45 9.10 25.86
C ALA A 59 -10.05 8.89 26.42
N MET A 60 -9.14 8.44 25.56
CA MET A 60 -7.72 8.43 25.87
C MET A 60 -6.99 8.79 24.62
N TYR A 61 -5.99 9.65 24.75
CA TYR A 61 -5.32 10.20 23.60
C TYR A 61 -3.83 9.95 23.66
N ALA A 62 -3.23 9.66 22.51
CA ALA A 62 -1.78 9.60 22.42
C ALA A 62 -1.22 10.97 22.81
N GLN A 63 -0.19 11.00 23.62
CA GLN A 63 0.33 12.26 24.03
C GLN A 63 0.64 13.09 22.83
N GLY A 64 1.10 12.48 21.77
CA GLY A 64 1.49 13.20 20.59
C GLY A 64 0.37 14.03 20.00
N PHE A 65 -0.87 13.61 20.14
CA PHE A 65 -1.98 14.36 19.60
C PHE A 65 -2.83 15.12 20.61
N GLN A 66 -2.79 14.68 21.83
CA GLN A 66 -3.59 15.30 22.87
C GLN A 66 -3.25 16.73 22.88
N GLY A 67 -4.15 17.61 22.49
CA GLY A 67 -5.44 17.34 21.96
C GLY A 67 -5.55 18.26 20.78
N ARG A 68 -5.10 17.78 19.66
CA ARG A 68 -5.42 18.40 18.38
C ARG A 68 -6.53 17.50 17.86
N VAL A 69 -6.52 16.26 18.37
CA VAL A 69 -7.42 15.18 17.93
C VAL A 69 -8.61 15.09 18.88
N THR A 70 -9.77 14.77 18.32
CA THR A 70 -11.03 14.72 19.05
C THR A 70 -11.94 13.62 18.46
N ILE A 71 -12.03 12.50 19.18
CA ILE A 71 -12.84 11.36 18.76
C ILE A 71 -14.27 11.45 19.30
N THR A 72 -15.23 11.74 18.44
CA THR A 72 -16.61 11.74 18.87
C THR A 72 -17.44 10.68 18.19
N ALA A 73 -18.63 10.42 18.69
CA ALA A 73 -19.52 9.48 18.03
C ALA A 73 -20.92 10.00 17.97
N ASP A 74 -21.68 9.42 17.08
CA ASP A 74 -23.01 9.83 16.77
C ASP A 74 -24.00 9.24 17.69
N GLU A 75 -25.09 9.95 17.94
CA GLU A 75 -26.29 9.32 18.43
C GLU A 75 -27.07 9.43 17.15
N SER A 76 -27.16 8.33 16.43
CA SER A 76 -27.38 7.00 16.90
C SER A 76 -26.39 6.43 17.90
N THR A 77 -25.11 6.82 17.81
CA THR A 77 -24.02 5.99 18.32
C THR A 77 -23.69 4.87 17.32
N SER A 78 -23.83 5.19 16.04
CA SER A 78 -23.54 4.25 14.99
C SER A 78 -22.42 4.75 14.11
N ILE A 79 -22.05 6.01 14.27
CA ILE A 79 -20.92 6.55 13.50
C ILE A 79 -19.90 7.22 14.47
N ALA A 80 -18.61 7.01 14.24
CA ALA A 80 -17.57 7.69 15.02
C ALA A 80 -16.78 8.69 14.17
N TYR A 81 -16.46 9.82 14.79
CA TYR A 81 -15.75 10.86 14.09
C TYR A 81 -14.34 11.08 14.70
N MET A 82 -13.33 11.34 13.86
CA MET A 82 -12.05 11.85 14.35
C MET A 82 -11.81 13.21 13.73
N GLU A 83 -11.70 14.23 14.58
CA GLU A 83 -11.38 15.59 14.12
C GLU A 83 -9.96 16.00 14.53
N LEU A 84 -9.11 16.24 13.54
CA LEU A 84 -7.74 16.66 13.79
C LEU A 84 -7.52 18.04 13.19
N THR A 85 -7.25 18.99 14.08
CA THR A 85 -7.13 20.38 13.76
C THR A 85 -5.70 20.78 13.50
N ASN A 86 -5.51 21.99 13.03
CA ASN A 86 -4.17 22.50 12.89
C ASN A 86 -3.27 21.70 12.00
N LEU A 87 -3.77 21.34 10.84
CA LEU A 87 -3.07 20.42 9.98
C LEU A 87 -1.75 20.94 9.47
N ARG A 88 -0.84 20.02 9.17
CA ARG A 88 0.53 20.29 8.71
C ARG A 88 0.97 19.16 7.76
N SER A 89 2.05 19.35 7.04
CA SER A 89 2.50 18.38 6.05
C SER A 89 2.82 17.03 6.68
N GLU A 90 3.08 17.04 7.99
CA GLU A 90 3.49 15.85 8.75
C GLU A 90 2.32 14.92 8.93
N ASP A 91 1.13 15.51 8.94
CA ASP A 91 -0.11 14.78 9.17
C ASP A 91 -0.66 14.15 7.87
N THR A 92 0.15 14.05 6.83
CA THR A 92 -0.28 13.34 5.63
C THR A 92 0.00 11.84 5.83
N ALA A 93 -1.10 11.06 5.88
CA ALA A 93 -1.12 9.63 6.27
C ALA A 93 -2.48 8.99 6.00
N VAL A 94 -2.53 7.66 5.82
CA VAL A 94 -3.82 6.92 5.81
C VAL A 94 -4.40 6.86 7.22
N TYR A 95 -5.70 7.11 7.39
CA TYR A 95 -6.26 7.16 8.75
C TYR A 95 -7.26 6.05 8.97
N TYR A 96 -6.95 5.15 9.91
CA TYR A 96 -7.81 3.98 10.14
C TYR A 96 -8.66 4.16 11.39
N CYS A 97 -9.88 3.61 11.35
CA CYS A 97 -10.65 3.39 12.57
C CYS A 97 -10.73 1.89 12.77
N ALA A 98 -10.85 1.49 14.03
CA ALA A 98 -11.01 0.09 14.38
C ALA A 98 -11.87 0.04 15.63
N ARG A 99 -12.28 -1.15 16.02
CA ARG A 99 -13.19 -1.30 17.15
C ARG A 99 -12.83 -2.51 18.00
N GLY A 100 -12.59 -2.30 19.29
CA GLY A 100 -12.30 -3.43 20.14
C GLY A 100 -13.35 -3.56 21.20
N PRO A 101 -13.63 -4.80 21.64
CA PRO A 101 -14.51 -4.94 22.80
C PRO A 101 -13.89 -4.27 24.03
N LEU A 102 -14.73 -3.87 24.97
CA LEU A 102 -14.28 -3.23 26.19
C LEU A 102 -13.25 -4.05 26.96
N SER A 103 -12.30 -3.34 27.56
CA SER A 103 -11.31 -3.88 28.49
C SER A 103 -10.58 -5.13 27.99
N ARG A 104 -10.41 -5.23 26.68
CA ARG A 104 -9.70 -6.35 26.07
C ARG A 104 -8.33 -5.90 25.57
N GLY A 105 -8.28 -4.73 24.95
CA GLY A 105 -7.02 -4.18 24.46
C GLY A 105 -6.89 -4.26 22.95
N TYR A 106 -7.34 -5.38 22.37
CA TYR A 106 -7.25 -5.59 20.94
C TYR A 106 -8.40 -4.87 20.22
N TYR A 107 -8.26 -4.76 18.90
CA TYR A 107 -9.27 -4.21 18.02
C TYR A 107 -9.44 -5.21 16.88
N ASP A 108 -10.62 -5.81 16.76
CA ASP A 108 -10.82 -6.94 15.84
C ASP A 108 -11.58 -6.54 14.56
N TYR A 109 -12.10 -5.32 14.54
CA TYR A 109 -12.76 -4.79 13.38
C TYR A 109 -12.10 -3.50 12.96
N TRP A 110 -11.61 -3.45 11.73
CA TRP A 110 -10.98 -2.23 11.20
C TRP A 110 -11.80 -1.59 10.06
N GLY A 111 -11.73 -0.27 9.95
CA GLY A 111 -12.26 0.41 8.78
C GLY A 111 -11.33 0.18 7.60
N GLN A 112 -11.64 0.78 6.45
CA GLN A 112 -10.84 0.54 5.25
C GLN A 112 -9.73 1.58 5.05
N GLY A 113 -9.64 2.54 5.94
CA GLY A 113 -8.61 3.56 5.88
C GLY A 113 -8.96 4.71 4.96
N THR A 114 -8.69 5.93 5.41
CA THR A 114 -8.95 7.13 4.62
C THR A 114 -7.69 7.97 4.48
N LEU A 115 -7.36 8.33 3.25
CA LEU A 115 -6.16 9.11 2.97
C LEU A 115 -6.40 10.61 3.17
N VAL A 116 -5.47 11.27 3.85
CA VAL A 116 -5.57 12.70 4.09
C VAL A 116 -4.28 13.33 3.60
N THR A 117 -4.38 14.18 2.61
CA THR A 117 -3.23 14.85 2.09
C THR A 117 -3.23 16.25 2.60
N VAL A 118 -2.14 16.68 3.19
CA VAL A 118 -2.05 18.02 3.71
C VAL A 118 -1.02 18.79 2.89
N SER A 119 -1.50 19.51 1.88
CA SER A 119 -0.66 20.36 1.03
C SER A 119 -1.38 21.60 0.51
N SER A 120 -0.59 22.48 -0.10
CA SER A 120 -1.17 23.66 -0.75
C SER A 120 -1.15 23.46 -2.26
N ALA A 121 -0.57 22.35 -2.70
CA ALA A 121 -0.53 22.00 -4.13
C ALA A 121 -1.93 21.85 -4.71
N LYS A 122 -2.21 22.54 -5.82
CA LYS A 122 -3.56 22.56 -6.40
C LYS A 122 -3.97 21.17 -6.94
N THR A 123 -5.25 20.80 -6.76
CA THR A 123 -5.79 19.58 -7.34
C THR A 123 -5.64 19.58 -8.88
N THR A 124 -4.77 18.72 -9.39
CA THR A 124 -4.60 18.57 -10.83
C THR A 124 -5.19 17.24 -11.31
N ALA A 125 -5.88 17.26 -12.45
CA ALA A 125 -6.39 16.02 -13.02
C ALA A 125 -5.25 15.23 -13.68
N PRO A 126 -5.37 13.89 -13.65
CA PRO A 126 -4.40 13.05 -14.32
C PRO A 126 -4.52 13.15 -15.82
N SER A 127 -3.55 12.56 -16.52
CA SER A 127 -3.62 12.37 -17.96
C SER A 127 -3.30 10.90 -18.20
N VAL A 128 -4.11 10.22 -19.01
CA VAL A 128 -3.99 8.79 -19.18
C VAL A 128 -3.58 8.41 -20.60
N TYR A 129 -2.38 7.92 -20.75
CA TYR A 129 -1.86 7.50 -22.05
C TYR A 129 -1.82 5.99 -22.07
N PRO A 130 -2.13 5.36 -23.21
CA PRO A 130 -2.03 3.90 -23.28
C PRO A 130 -0.63 3.42 -23.65
N LEU A 131 -0.31 2.19 -23.31
CA LEU A 131 0.98 1.60 -23.65
C LEU A 131 0.79 0.29 -24.45
N ALA A 132 1.24 0.25 -25.68
CA ALA A 132 1.11 -0.90 -26.54
C ALA A 132 2.37 -1.11 -27.30
N PRO A 133 2.49 -2.36 -27.90
CA PRO A 133 3.69 -2.48 -28.74
C PRO A 133 3.45 -1.93 -30.14
N VAL A 134 3.76 -0.67 -30.28
CA VAL A 134 3.58 0.13 -31.46
C VAL A 134 4.40 -0.31 -32.65
N CYS A 135 5.55 -0.86 -32.38
CA CYS A 135 6.61 -0.90 -33.32
C CYS A 135 6.63 -2.24 -33.98
N SER A 141 4.09 -14.70 -28.67
CA SER A 141 3.70 -15.78 -27.77
C SER A 141 2.69 -15.31 -26.71
N SER A 142 3.06 -14.25 -26.00
CA SER A 142 2.21 -13.62 -25.00
C SER A 142 2.48 -12.11 -24.95
N VAL A 143 1.41 -11.31 -24.80
CA VAL A 143 1.54 -9.86 -24.94
C VAL A 143 1.44 -9.11 -23.61
N THR A 144 2.24 -8.06 -23.45
CA THR A 144 2.20 -7.22 -22.26
C THR A 144 1.84 -5.80 -22.65
N LEU A 145 0.81 -5.25 -22.00
CA LEU A 145 0.29 -3.91 -22.31
C LEU A 145 0.28 -3.09 -21.03
N GLY A 146 0.00 -1.79 -21.14
CA GLY A 146 0.08 -0.94 -19.96
C GLY A 146 -0.71 0.34 -20.03
N CYS A 147 -1.12 0.86 -18.87
CA CYS A 147 -1.60 2.23 -18.80
C CYS A 147 -0.57 3.11 -18.09
N LEU A 148 -0.53 4.37 -18.49
CA LEU A 148 0.33 5.38 -17.86
C LEU A 148 -0.52 6.55 -17.37
N VAL A 149 -0.66 6.66 -16.05
CA VAL A 149 -1.49 7.71 -15.46
C VAL A 149 -0.62 8.83 -14.94
N LYS A 150 -0.56 9.93 -15.67
CA LYS A 150 0.56 10.84 -15.44
C LYS A 150 0.16 12.25 -14.98
N GLY A 151 1.03 12.83 -14.15
CA GLY A 151 0.95 14.21 -13.75
C GLY A 151 -0.33 14.63 -13.03
N TYR A 152 -0.77 13.82 -12.05
CA TYR A 152 -1.96 14.19 -11.25
C TYR A 152 -1.61 14.60 -9.82
N PHE A 153 -2.63 15.08 -9.09
CA PHE A 153 -2.53 15.36 -7.66
C PHE A 153 -3.94 15.55 -7.10
N PRO A 154 -4.18 15.14 -5.84
CA PRO A 154 -3.28 14.37 -4.97
C PRO A 154 -3.59 12.89 -5.11
N GLU A 155 -2.92 12.04 -4.34
CA GLU A 155 -3.36 10.67 -4.28
C GLU A 155 -4.85 10.71 -3.91
N PRO A 156 -5.63 9.68 -4.30
CA PRO A 156 -5.16 8.50 -5.04
C PRO A 156 -5.88 8.44 -6.37
N VAL A 157 -5.54 7.43 -7.18
CA VAL A 157 -6.36 7.08 -8.33
C VAL A 157 -6.69 5.61 -8.19
N THR A 158 -7.60 5.11 -9.01
CA THR A 158 -7.90 3.67 -9.06
C THR A 158 -7.83 3.20 -10.51
N LEU A 159 -7.27 2.02 -10.72
CA LEU A 159 -7.06 1.50 -12.06
C LEU A 159 -7.52 0.05 -12.19
N THR A 160 -8.36 -0.17 -13.19
CA THR A 160 -8.99 -1.46 -13.39
C THR A 160 -8.71 -1.93 -14.81
N TRP A 161 -8.82 -3.23 -15.05
CA TRP A 161 -8.58 -3.73 -16.39
C TRP A 161 -9.79 -4.52 -16.87
N ASN A 162 -10.44 -4.02 -17.92
CA ASN A 162 -11.71 -4.56 -18.39
C ASN A 162 -12.71 -4.61 -17.25
N SER A 163 -12.62 -3.57 -16.41
CA SER A 163 -13.49 -3.39 -15.24
C SER A 163 -13.41 -4.61 -14.30
N GLY A 164 -12.19 -5.07 -14.01
CA GLY A 164 -12.00 -6.13 -13.05
C GLY A 164 -12.16 -7.51 -13.64
N SER A 165 -12.59 -7.59 -14.90
CA SER A 165 -12.75 -8.88 -15.58
C SER A 165 -11.40 -9.44 -15.96
N LEU A 166 -10.40 -8.61 -15.75
CA LEU A 166 -9.01 -8.97 -15.89
C LEU A 166 -8.22 -8.57 -14.69
N SER A 167 -7.90 -9.53 -13.85
CA SER A 167 -7.19 -9.23 -12.63
C SER A 167 -5.90 -9.92 -12.54
N SER A 168 -5.74 -10.94 -13.35
CA SER A 168 -4.56 -11.75 -13.27
C SER A 168 -3.66 -11.38 -14.40
N GLY A 169 -2.39 -11.25 -14.12
CA GLY A 169 -1.44 -10.77 -15.08
C GLY A 169 -1.27 -9.30 -14.95
N VAL A 170 -2.00 -8.69 -14.05
CA VAL A 170 -1.91 -7.28 -13.78
C VAL A 170 -0.83 -7.01 -12.73
N HIS A 171 -0.13 -5.90 -12.92
CA HIS A 171 0.90 -5.40 -12.05
C HIS A 171 0.71 -3.90 -11.97
N THR A 172 -0.03 -3.39 -10.97
CA THR A 172 -0.19 -1.93 -10.83
C THR A 172 0.87 -1.37 -9.89
N PHE A 173 1.55 -0.31 -10.31
CA PHE A 173 2.71 0.16 -9.55
C PHE A 173 2.36 1.30 -8.62
N PRO A 174 3.03 1.33 -7.45
CA PRO A 174 2.82 2.40 -6.47
C PRO A 174 3.07 3.71 -7.15
N ALA A 175 2.26 4.74 -6.93
CA ALA A 175 2.53 5.99 -7.64
C ALA A 175 3.90 6.47 -7.18
N VAL A 176 4.53 7.30 -8.00
CA VAL A 176 5.63 8.11 -7.49
C VAL A 176 5.35 9.60 -7.71
N LEU A 177 6.07 10.43 -6.99
CA LEU A 177 5.87 11.86 -7.07
C LEU A 177 7.06 12.56 -7.67
N GLN A 178 6.82 13.39 -8.66
CA GLN A 178 7.88 14.15 -9.28
C GLN A 178 7.45 15.57 -9.52
N SER A 179 8.32 16.52 -9.27
CA SER A 179 8.05 17.90 -9.49
C SER A 179 6.68 18.21 -8.96
N ASP A 180 6.41 17.68 -7.78
CA ASP A 180 5.19 17.91 -7.07
C ASP A 180 4.01 17.41 -7.79
N LEU A 181 4.24 16.34 -8.51
CA LEU A 181 3.15 15.68 -9.22
C LEU A 181 3.30 14.14 -9.18
N TYR A 182 2.19 13.42 -9.28
CA TYR A 182 2.21 11.97 -9.22
C TYR A 182 2.07 11.31 -10.57
N THR A 183 2.69 10.15 -10.71
CA THR A 183 2.68 9.36 -11.93
C THR A 183 2.50 7.92 -11.53
N LEU A 184 1.81 7.14 -12.32
CA LEU A 184 1.58 5.74 -11.98
C LEU A 184 1.42 4.89 -13.19
N SER A 185 2.01 3.71 -13.20
CA SER A 185 1.83 2.81 -14.34
C SER A 185 1.12 1.55 -13.89
N SER A 186 0.54 0.81 -14.84
CA SER A 186 0.01 -0.50 -14.56
C SER A 186 0.37 -1.35 -15.76
N SER A 187 0.74 -2.61 -15.55
CA SER A 187 0.96 -3.48 -16.71
C SER A 187 0.05 -4.69 -16.61
N VAL A 188 -0.47 -5.13 -17.75
CA VAL A 188 -1.26 -6.35 -17.80
C VAL A 188 -0.77 -7.25 -18.92
N THR A 189 -0.44 -8.49 -18.60
CA THR A 189 0.03 -9.39 -19.64
C THR A 189 -1.04 -10.47 -19.88
N VAL A 190 -1.41 -10.68 -21.15
CA VAL A 190 -2.39 -11.71 -21.56
C VAL A 190 -1.81 -12.67 -22.63
N THR A 191 -2.50 -13.78 -22.94
CA THR A 191 -2.07 -14.68 -24.02
C THR A 191 -2.24 -13.97 -25.37
N SER A 192 -1.33 -14.23 -26.32
CA SER A 192 -1.29 -13.48 -27.58
C SER A 192 -2.52 -13.71 -28.49
N SER A 193 -3.16 -14.88 -28.34
CA SER A 193 -4.48 -15.10 -28.92
C SER A 193 -5.58 -14.19 -28.30
N THR A 194 -5.21 -13.31 -27.34
CA THR A 194 -6.25 -12.46 -26.71
C THR A 194 -6.14 -11.02 -27.27
N TRP A 195 -4.99 -10.41 -27.33
CA TRP A 195 -4.93 -9.13 -27.99
C TRP A 195 -4.26 -9.27 -29.35
N PRO A 196 -4.71 -8.49 -30.32
CA PRO A 196 -5.90 -7.66 -30.17
C PRO A 196 -7.13 -8.33 -30.73
N SER A 197 -7.15 -9.67 -30.70
CA SER A 197 -8.32 -10.45 -31.08
C SER A 197 -9.57 -9.92 -30.35
N GLN A 198 -9.49 -9.86 -29.02
CA GLN A 198 -10.46 -9.17 -28.20
C GLN A 198 -9.80 -7.94 -27.56
N SER A 199 -10.62 -7.02 -27.06
CA SER A 199 -10.14 -5.72 -26.59
C SER A 199 -9.81 -5.65 -25.10
N ILE A 200 -8.79 -4.87 -24.78
CA ILE A 200 -8.40 -4.60 -23.40
C ILE A 200 -8.62 -3.12 -23.11
N THR A 201 -9.36 -2.80 -22.05
CA THR A 201 -9.54 -1.40 -21.72
C THR A 201 -9.07 -1.10 -20.31
N CYS A 202 -8.44 0.05 -20.17
CA CYS A 202 -7.90 0.54 -18.91
C CYS A 202 -8.79 1.57 -18.22
N ASN A 203 -9.25 1.23 -17.02
CA ASN A 203 -10.26 2.02 -16.31
C ASN A 203 -9.66 2.84 -15.18
N VAL A 204 -9.43 4.12 -15.44
CA VAL A 204 -8.79 4.98 -14.45
C VAL A 204 -9.80 5.93 -13.80
N ALA A 205 -9.49 6.38 -12.59
CA ALA A 205 -10.40 7.19 -11.78
C ALA A 205 -9.66 8.14 -10.83
N HIS A 206 -9.87 9.44 -11.03
CA HIS A 206 -9.38 10.46 -10.09
C HIS A 206 -10.55 11.19 -9.44
N PRO A 207 -10.96 10.73 -8.24
CA PRO A 207 -12.10 11.37 -7.56
C PRO A 207 -11.88 12.88 -7.25
N ALA A 208 -10.63 13.27 -7.01
CA ALA A 208 -10.31 14.66 -6.65
C ALA A 208 -10.63 15.67 -7.75
N SER A 209 -10.66 15.19 -8.99
CA SER A 209 -10.85 16.05 -10.15
C SER A 209 -12.01 15.57 -10.97
N SER A 210 -12.86 14.72 -10.38
CA SER A 210 -14.03 14.20 -11.09
C SER A 210 -13.63 13.53 -12.42
N THR A 211 -12.44 12.94 -12.46
CA THR A 211 -11.91 12.36 -13.68
C THR A 211 -12.11 10.85 -13.76
N LYS A 212 -13.00 10.39 -14.66
CA LYS A 212 -13.11 8.96 -14.96
C LYS A 212 -12.78 8.77 -16.43
N VAL A 213 -11.87 7.85 -16.72
CA VAL A 213 -11.32 7.68 -18.07
C VAL A 213 -11.11 6.22 -18.42
N ASP A 214 -11.82 5.75 -19.44
CA ASP A 214 -11.54 4.43 -19.96
C ASP A 214 -10.56 4.60 -21.11
N LYS A 215 -9.77 3.56 -21.45
CA LYS A 215 -8.74 3.66 -22.51
C LYS A 215 -8.61 2.36 -23.26
N LYS A 216 -9.05 2.27 -24.50
CA LYS A 216 -8.95 1.03 -25.21
C LYS A 216 -7.54 0.75 -25.66
N ILE A 217 -7.18 -0.51 -25.77
CA ILE A 217 -5.84 -0.85 -26.18
C ILE A 217 -4.86 -0.15 -25.25
N SER B 2 9.34 5.76 27.93
CA SER B 2 8.24 5.17 27.19
C SER B 2 8.36 3.65 27.16
N TYR B 3 7.34 2.95 26.65
CA TYR B 3 7.45 1.51 26.43
C TYR B 3 7.86 1.26 24.97
N VAL B 4 8.67 0.23 24.75
CA VAL B 4 9.26 -0.01 23.43
C VAL B 4 9.12 -1.46 23.00
N LEU B 5 8.32 -1.67 21.96
CA LEU B 5 8.21 -2.96 21.28
C LEU B 5 9.21 -3.04 20.12
N THR B 6 9.89 -4.16 19.99
CA THR B 6 10.92 -4.26 18.99
C THR B 6 10.69 -5.43 18.06
N GLN B 7 10.52 -5.09 16.80
CA GLN B 7 10.28 -6.08 15.77
C GLN B 7 11.38 -6.05 14.74
N PRO B 8 11.87 -7.22 14.35
CA PRO B 8 12.86 -7.25 13.28
C PRO B 8 12.24 -6.75 11.98
N PRO B 9 12.99 -5.97 11.19
CA PRO B 9 12.45 -5.49 9.92
C PRO B 9 12.04 -6.61 8.98
N SER B 10 12.90 -7.60 8.79
CA SER B 10 12.55 -8.66 7.86
C SER B 10 12.67 -10.06 8.44
N VAL B 11 11.76 -10.92 8.01
CA VAL B 11 11.83 -12.32 8.30
C VAL B 11 11.49 -13.03 7.00
N SER B 12 12.44 -13.76 6.43
CA SER B 12 12.15 -14.49 5.20
C SER B 12 12.08 -15.95 5.50
N VAL B 13 11.09 -16.66 4.97
CA VAL B 13 11.05 -18.11 5.18
C VAL B 13 10.71 -18.82 3.91
N ALA B 14 10.89 -20.14 3.91
CA ALA B 14 10.61 -21.00 2.77
C ALA B 14 9.11 -21.28 2.63
N PRO B 15 8.65 -21.56 1.38
CA PRO B 15 7.31 -22.05 1.02
C PRO B 15 7.03 -23.42 1.66
N GLY B 16 6.16 -23.43 2.67
CA GLY B 16 5.88 -24.63 3.41
C GLY B 16 6.43 -24.64 4.83
N LYS B 17 7.55 -23.96 5.06
CA LYS B 17 8.19 -24.01 6.39
C LYS B 17 7.56 -22.99 7.34
N THR B 18 8.10 -22.83 8.55
CA THR B 18 7.45 -21.96 9.52
C THR B 18 8.13 -20.63 9.77
N ALA B 19 7.30 -19.60 9.82
CA ALA B 19 7.77 -18.25 10.04
C ALA B 19 7.55 -17.84 11.49
N ARG B 20 8.57 -17.24 12.10
CA ARG B 20 8.49 -16.80 13.49
C ARG B 20 8.88 -15.33 13.62
N ILE B 21 7.92 -14.50 14.02
CA ILE B 21 8.17 -13.06 14.16
C ILE B 21 8.21 -12.68 15.63
N THR B 22 9.25 -11.96 16.08
CA THR B 22 9.39 -11.68 17.53
C THR B 22 8.99 -10.27 17.93
N CYS B 23 8.34 -10.10 19.12
CA CYS B 23 8.02 -8.79 19.70
C CYS B 23 8.66 -8.65 21.07
N GLY B 24 9.82 -8.01 21.11
CA GLY B 24 10.52 -7.86 22.36
C GLY B 24 10.29 -6.54 23.06
N GLY B 25 10.13 -6.62 24.38
CA GLY B 25 10.01 -5.47 25.25
C GLY B 25 10.21 -5.95 26.67
N ASN B 26 10.54 -5.02 27.57
CA ASN B 26 10.84 -5.37 28.98
C ASN B 26 9.61 -5.95 29.67
N ASN B 27 9.78 -7.12 30.28
CA ASN B 27 8.71 -7.80 31.01
C ASN B 27 7.46 -7.95 30.17
N ILE B 28 7.63 -8.40 28.93
CA ILE B 28 6.51 -8.35 28.02
C ILE B 28 5.52 -9.48 28.34
N GLY B 29 6.00 -10.57 28.92
CA GLY B 29 5.13 -11.68 29.30
C GLY B 29 4.06 -11.36 30.34
N SER B 30 4.11 -10.14 30.87
CA SER B 30 3.16 -9.70 31.87
C SER B 30 2.04 -8.91 31.20
N LYS B 31 2.21 -8.67 29.91
CA LYS B 31 1.23 -7.92 29.12
C LYS B 31 0.52 -8.82 28.13
N SER B 32 -0.73 -8.50 27.84
CA SER B 32 -1.43 -9.28 26.85
C SER B 32 -1.04 -8.74 25.49
N VAL B 33 -0.43 -9.60 24.66
CA VAL B 33 0.11 -9.16 23.37
C VAL B 33 -0.79 -9.53 22.19
N HIS B 34 -1.03 -8.59 21.29
CA HIS B 34 -1.91 -8.82 20.13
C HIS B 34 -1.09 -8.71 18.81
N TRP B 35 -1.49 -9.40 17.74
CA TRP B 35 -0.78 -9.31 16.44
C TRP B 35 -1.69 -8.98 15.27
N TYR B 36 -1.21 -8.07 14.42
CA TYR B 36 -1.98 -7.64 13.26
C TYR B 36 -1.23 -7.93 11.97
N GLN B 37 -1.92 -8.49 10.98
CA GLN B 37 -1.37 -8.60 9.64
C GLN B 37 -1.91 -7.48 8.75
N GLN B 38 -1.03 -6.90 7.92
CA GLN B 38 -1.40 -5.86 6.93
C GLN B 38 -0.72 -6.16 5.61
N LYS B 39 -1.51 -6.43 4.58
CA LYS B 39 -0.98 -6.59 3.21
C LYS B 39 -1.05 -5.21 2.55
N PRO B 40 -0.20 -4.99 1.53
CA PRO B 40 -0.13 -3.76 0.71
C PRO B 40 -1.47 -3.22 0.23
N GLY B 41 -1.77 -1.97 0.60
CA GLY B 41 -3.04 -1.38 0.25
C GLY B 41 -4.14 -1.65 1.26
N GLN B 42 -4.12 -2.83 1.86
CA GLN B 42 -5.21 -3.26 2.73
C GLN B 42 -5.06 -2.66 4.16
N ALA B 43 -6.17 -2.67 4.90
CA ALA B 43 -6.21 -2.29 6.32
C ALA B 43 -5.59 -3.41 7.17
N PRO B 44 -5.21 -3.08 8.42
CA PRO B 44 -4.74 -4.19 9.24
C PRO B 44 -5.86 -5.16 9.60
N VAL B 45 -5.47 -6.44 9.77
CA VAL B 45 -6.36 -7.53 10.17
C VAL B 45 -5.87 -8.18 11.47
N LEU B 46 -6.74 -8.34 12.47
CA LEU B 46 -6.32 -9.00 13.71
C LEU B 46 -6.08 -10.47 13.45
N VAL B 47 -4.84 -10.95 13.64
CA VAL B 47 -4.56 -12.39 13.50
C VAL B 47 -4.35 -13.16 14.83
N VAL B 48 -3.86 -12.49 15.89
CA VAL B 48 -3.72 -13.10 17.24
C VAL B 48 -3.98 -12.06 18.35
N TYR B 49 -4.75 -12.44 19.38
CA TYR B 49 -5.01 -11.55 20.54
C TYR B 49 -4.72 -12.30 21.86
N ASP B 50 -4.47 -11.55 22.94
CA ASP B 50 -4.18 -12.15 24.25
C ASP B 50 -3.16 -13.30 24.13
N ASP B 51 -2.05 -13.02 23.46
CA ASP B 51 -0.91 -13.92 23.30
C ASP B 51 -1.14 -15.08 22.36
N SER B 52 -2.13 -15.93 22.65
CA SER B 52 -2.28 -17.16 21.88
C SER B 52 -3.64 -17.35 21.17
N ASP B 53 -4.68 -16.70 21.64
CA ASP B 53 -6.00 -16.80 21.01
C ASP B 53 -6.16 -16.18 19.65
N ARG B 54 -6.98 -16.83 18.83
CA ARG B 54 -7.21 -16.54 17.44
C ARG B 54 -8.63 -16.13 17.17
N PRO B 55 -8.83 -15.08 16.42
CA PRO B 55 -10.17 -14.60 16.03
C PRO B 55 -10.83 -15.51 15.00
N SER B 56 -12.05 -15.18 14.61
CA SER B 56 -12.72 -15.91 13.55
C SER B 56 -12.03 -15.72 12.22
N GLY B 57 -12.17 -16.70 11.32
CA GLY B 57 -11.66 -16.58 9.97
C GLY B 57 -10.16 -16.75 9.85
N ILE B 58 -9.46 -16.76 10.97
CA ILE B 58 -8.02 -16.86 10.93
C ILE B 58 -7.60 -18.32 11.00
N PRO B 59 -6.84 -18.78 9.98
CA PRO B 59 -6.25 -20.12 9.85
C PRO B 59 -5.57 -20.61 11.14
N GLU B 60 -5.63 -21.89 11.37
CA GLU B 60 -5.08 -22.50 12.56
C GLU B 60 -3.58 -22.41 12.59
N ARG B 61 -3.00 -22.16 11.42
CA ARG B 61 -1.57 -22.10 11.20
C ARG B 61 -0.97 -20.95 12.00
N PHE B 62 -1.79 -19.93 12.25
CA PHE B 62 -1.38 -18.76 13.02
C PHE B 62 -1.46 -19.06 14.51
N SER B 63 -0.34 -18.97 15.21
CA SER B 63 -0.34 -19.17 16.67
C SER B 63 0.58 -18.16 17.35
N GLY B 64 0.40 -17.98 18.66
CA GLY B 64 1.20 -17.03 19.41
C GLY B 64 1.68 -17.53 20.77
N SER B 65 2.71 -16.89 21.28
CA SER B 65 3.25 -17.20 22.59
C SER B 65 3.94 -15.97 23.15
N ASN B 66 3.84 -15.79 24.46
CA ASN B 66 4.46 -14.65 25.11
C ASN B 66 4.92 -14.99 26.53
N SER B 67 6.24 -14.98 26.74
CA SER B 67 6.80 -15.31 28.05
C SER B 67 8.21 -14.74 28.22
N GLY B 68 8.36 -13.85 29.19
CA GLY B 68 9.64 -13.26 29.49
C GLY B 68 9.75 -11.90 28.89
N ASN B 69 10.62 -11.75 27.93
CA ASN B 69 10.72 -10.54 27.17
C ASN B 69 10.51 -10.70 25.71
N THR B 70 9.89 -11.80 25.32
CA THR B 70 9.61 -12.03 23.92
C THR B 70 8.28 -12.74 23.59
N ALA B 71 7.34 -11.96 23.05
CA ALA B 71 6.15 -12.50 22.38
C ALA B 71 6.51 -12.98 20.98
N THR B 72 6.05 -14.16 20.60
CA THR B 72 6.33 -14.66 19.26
C THR B 72 5.08 -15.02 18.45
N LEU B 73 4.91 -14.40 17.28
CA LEU B 73 3.93 -14.89 16.32
C LEU B 73 4.53 -16.00 15.47
N THR B 74 3.78 -17.10 15.37
CA THR B 74 4.19 -18.27 14.60
C THR B 74 3.25 -18.49 13.44
N ILE B 75 3.80 -18.52 12.23
CA ILE B 75 2.97 -18.88 11.07
C ILE B 75 3.51 -20.17 10.50
N SER B 76 2.64 -21.20 10.50
CA SER B 76 2.96 -22.55 10.07
C SER B 76 2.60 -22.76 8.63
N ARG B 77 3.37 -23.57 7.91
CA ARG B 77 3.06 -23.90 6.52
C ARG B 77 2.83 -22.62 5.73
N VAL B 78 3.81 -21.73 5.75
CA VAL B 78 3.74 -20.49 4.97
C VAL B 78 3.43 -20.57 3.48
N GLU B 79 2.42 -19.81 3.04
CA GLU B 79 2.16 -19.65 1.60
C GLU B 79 2.41 -18.20 1.15
N ALA B 80 2.46 -17.97 -0.15
CA ALA B 80 2.64 -16.61 -0.67
C ALA B 80 1.49 -15.70 -0.25
N GLY B 81 0.37 -16.29 0.14
CA GLY B 81 -0.77 -15.55 0.63
C GLY B 81 -0.54 -15.04 2.04
N ASP B 82 0.69 -15.16 2.53
CA ASP B 82 1.02 -14.73 3.87
C ASP B 82 1.97 -13.57 3.80
N GLU B 83 2.37 -13.23 2.58
CA GLU B 83 3.30 -12.12 2.41
C GLU B 83 2.61 -10.85 2.85
N ALA B 84 3.16 -10.20 3.87
CA ALA B 84 2.50 -9.09 4.53
C ALA B 84 3.39 -8.44 5.62
N ASP B 85 2.94 -7.31 6.15
CA ASP B 85 3.63 -6.70 7.29
C ASP B 85 2.92 -7.12 8.56
N TYR B 86 3.68 -7.33 9.62
CA TYR B 86 3.11 -7.83 10.86
C TYR B 86 3.42 -6.84 11.95
N TYR B 87 2.38 -6.43 12.68
CA TYR B 87 2.56 -5.50 13.79
C TYR B 87 2.23 -6.21 15.09
N CYS B 88 3.04 -5.92 16.11
CA CYS B 88 2.82 -6.46 17.45
C CYS B 88 2.35 -5.31 18.33
N GLN B 89 1.33 -5.58 19.13
CA GLN B 89 0.69 -4.52 19.93
C GLN B 89 0.38 -4.87 21.40
N VAL B 90 0.61 -3.90 22.28
CA VAL B 90 0.28 -4.06 23.69
C VAL B 90 -0.30 -2.76 24.23
N TRP B 91 -0.80 -2.82 25.46
CA TRP B 91 -1.08 -1.61 26.20
C TRP B 91 0.01 -1.43 27.27
N ASP B 92 0.31 -0.17 27.58
CA ASP B 92 1.24 0.19 28.65
C ASP B 92 0.91 1.59 29.12
N SER B 93 0.56 1.71 30.40
CA SER B 93 0.23 2.98 31.06
C SER B 93 -0.67 4.00 30.37
N SER B 94 -1.86 3.57 30.00
CA SER B 94 -2.85 4.46 29.33
C SER B 94 -2.43 4.72 27.87
N SER B 95 -1.69 3.82 27.24
CA SER B 95 -1.25 4.03 25.83
C SER B 95 -1.09 2.71 25.01
N VAL B 96 -1.49 2.79 23.75
CA VAL B 96 -1.30 1.70 22.81
C VAL B 96 0.06 1.78 22.11
N VAL B 97 0.85 0.72 22.21
CA VAL B 97 2.15 0.73 21.58
C VAL B 97 2.24 -0.34 20.48
N PHE B 98 2.69 0.09 19.30
CA PHE B 98 2.88 -0.78 18.14
C PHE B 98 4.36 -0.97 17.88
N GLY B 99 4.73 -2.13 17.34
CA GLY B 99 6.10 -2.32 16.89
C GLY B 99 6.24 -1.82 15.45
N GLY B 100 7.46 -1.70 14.99
CA GLY B 100 7.71 -1.31 13.64
C GLY B 100 7.38 -2.54 12.92
N TRP B 101 7.10 -2.43 11.64
CA TRP B 101 6.70 -3.57 10.87
C TRP B 101 7.75 -4.61 10.74
N THR B 102 7.32 -5.85 10.65
CA THR B 102 8.15 -6.89 10.18
C THR B 102 7.56 -7.32 8.89
N LYS B 103 8.36 -7.29 7.85
CA LYS B 103 7.95 -7.68 6.52
C LYS B 103 8.31 -9.15 6.26
N LEU B 104 7.30 -10.01 6.19
CA LEU B 104 7.51 -11.43 5.95
C LEU B 104 7.60 -11.72 4.46
N THR B 105 8.79 -12.10 4.01
CA THR B 105 9.00 -12.40 2.59
C THR B 105 9.24 -13.89 2.36
N VAL B 106 8.51 -14.46 1.41
CA VAL B 106 8.63 -15.87 1.08
C VAL B 106 9.72 -16.08 0.03
N LEU B 107 10.66 -16.99 0.32
CA LEU B 107 11.72 -17.39 -0.62
C LEU B 107 11.19 -18.25 -1.75
N ARG B 108 11.90 -18.26 -2.88
CA ARG B 108 11.44 -19.00 -4.05
C ARG B 108 12.57 -19.23 -5.07
N ALA B 109 12.22 -19.87 -6.19
CA ALA B 109 13.16 -20.12 -7.29
C ALA B 109 13.59 -18.81 -7.96
N ASP B 110 14.86 -18.69 -8.35
CA ASP B 110 15.30 -17.50 -9.12
C ASP B 110 14.55 -17.40 -10.46
N ALA B 111 13.98 -16.22 -10.77
CA ALA B 111 13.31 -15.97 -12.06
C ALA B 111 13.87 -14.72 -12.75
N ALA B 112 14.10 -14.79 -14.06
CA ALA B 112 14.53 -13.61 -14.80
C ALA B 112 13.33 -12.67 -15.04
N PRO B 113 13.63 -11.36 -15.16
CA PRO B 113 12.58 -10.37 -15.45
C PRO B 113 12.02 -10.47 -16.89
N THR B 114 10.69 -10.44 -17.04
CA THR B 114 10.09 -10.21 -18.36
C THR B 114 10.08 -8.70 -18.66
N VAL B 115 10.97 -8.31 -19.59
CA VAL B 115 11.14 -6.91 -19.98
C VAL B 115 10.36 -6.52 -21.23
N SER B 116 9.71 -5.36 -21.15
CA SER B 116 8.83 -4.89 -22.19
C SER B 116 8.91 -3.38 -22.28
N ILE B 117 9.34 -2.87 -23.43
CA ILE B 117 9.45 -1.42 -23.61
C ILE B 117 8.24 -0.89 -24.38
N PHE B 118 7.86 0.36 -24.10
CA PHE B 118 6.73 0.97 -24.79
C PHE B 118 7.09 2.41 -25.17
N PRO B 119 6.98 2.73 -26.47
CA PRO B 119 7.15 4.06 -27.07
C PRO B 119 6.24 5.10 -26.42
N PRO B 120 6.48 6.39 -26.67
CA PRO B 120 5.44 7.34 -26.26
C PRO B 120 4.11 7.15 -27.01
N SER B 121 2.98 7.58 -26.44
CA SER B 121 1.69 7.46 -27.12
C SER B 121 1.45 8.55 -28.17
N SER B 122 0.60 8.31 -29.15
CA SER B 122 0.30 9.30 -30.14
C SER B 122 -0.35 10.47 -29.48
N GLU B 123 -1.16 10.16 -28.51
CA GLU B 123 -1.91 11.14 -27.74
C GLU B 123 -1.04 12.06 -26.91
N GLN B 124 0.01 11.51 -26.35
CA GLN B 124 0.92 12.24 -25.54
C GLN B 124 1.81 13.13 -26.29
N LEU B 125 2.25 12.62 -27.44
CA LEU B 125 3.10 13.32 -28.38
C LEU B 125 2.42 14.59 -28.81
N THR B 126 1.13 14.52 -29.08
CA THR B 126 0.39 15.70 -29.46
C THR B 126 0.38 16.70 -28.34
N SER B 127 0.30 16.24 -27.12
CA SER B 127 0.38 17.12 -25.95
C SER B 127 1.75 17.83 -25.84
N GLY B 128 2.75 17.23 -26.48
CA GLY B 128 4.10 17.75 -26.41
C GLY B 128 5.09 17.02 -25.55
N GLY B 129 4.80 15.80 -25.16
CA GLY B 129 5.69 15.08 -24.28
C GLY B 129 6.01 13.69 -24.68
N ALA B 130 7.17 13.22 -24.27
CA ALA B 130 7.54 11.86 -24.54
C ALA B 130 8.03 11.11 -23.32
N SER B 131 7.37 10.01 -23.04
CA SER B 131 7.75 9.10 -22.00
C SER B 131 7.82 7.66 -22.56
N VAL B 132 8.97 7.03 -22.27
CA VAL B 132 9.25 5.65 -22.62
C VAL B 132 9.09 4.81 -21.35
N VAL B 133 8.43 3.66 -21.47
CA VAL B 133 8.16 2.88 -20.27
C VAL B 133 8.75 1.52 -20.43
N CYS B 134 9.56 1.14 -19.46
CA CYS B 134 10.11 -0.18 -19.41
C CYS B 134 9.46 -0.91 -18.27
N PHE B 135 8.89 -2.08 -18.58
CA PHE B 135 8.26 -2.94 -17.60
C PHE B 135 9.12 -4.16 -17.34
N LEU B 136 9.62 -4.29 -16.10
CA LEU B 136 10.42 -5.46 -15.70
C LEU B 136 9.63 -6.34 -14.72
N ASN B 137 9.05 -7.42 -15.25
CA ASN B 137 8.01 -8.14 -14.51
C ASN B 137 8.34 -9.57 -14.03
N ASN B 138 7.82 -9.90 -12.83
CA ASN B 138 7.86 -11.26 -12.28
C ASN B 138 9.27 -11.86 -12.21
N PHE B 139 10.15 -11.20 -11.46
CA PHE B 139 11.53 -11.69 -11.30
C PHE B 139 11.87 -11.95 -9.82
N TYR B 140 12.96 -12.69 -9.58
CA TYR B 140 13.41 -12.98 -8.20
C TYR B 140 14.89 -13.44 -8.14
N PRO B 141 15.68 -12.92 -7.18
CA PRO B 141 15.45 -12.01 -6.04
C PRO B 141 15.13 -10.56 -6.39
N LYS B 142 14.83 -9.77 -5.35
CA LYS B 142 14.29 -8.42 -5.46
C LYS B 142 15.15 -7.42 -6.24
N ASP B 143 16.46 -7.58 -6.19
CA ASP B 143 17.35 -6.53 -6.62
C ASP B 143 17.58 -6.54 -8.11
N ILE B 144 17.54 -5.36 -8.70
CA ILE B 144 17.62 -5.24 -10.13
C ILE B 144 18.11 -3.85 -10.37
N ASN B 145 18.74 -3.64 -11.51
CA ASN B 145 19.17 -2.33 -11.91
C ASN B 145 18.75 -2.06 -13.32
N VAL B 146 18.28 -0.88 -13.60
CA VAL B 146 17.91 -0.54 -14.95
C VAL B 146 18.71 0.62 -15.48
N LYS B 147 19.14 0.48 -16.71
CA LYS B 147 19.92 1.49 -17.36
C LYS B 147 19.10 1.93 -18.54
N TRP B 148 18.97 3.24 -18.75
CA TRP B 148 18.29 3.76 -19.91
C TRP B 148 19.33 4.33 -20.83
N LYS B 149 19.34 3.88 -22.07
CA LYS B 149 20.30 4.40 -23.03
C LYS B 149 19.64 4.98 -24.28
N ILE B 150 19.90 6.27 -24.50
CA ILE B 150 19.46 7.01 -25.69
C ILE B 150 20.60 7.15 -26.69
N ASP B 151 20.56 6.35 -27.75
CA ASP B 151 21.66 6.24 -28.71
C ASP B 151 22.91 5.77 -28.02
N GLY B 152 22.80 4.63 -27.33
CA GLY B 152 23.92 3.93 -26.72
C GLY B 152 24.59 4.70 -25.59
N SER B 153 24.01 5.85 -25.25
CA SER B 153 24.50 6.65 -24.14
C SER B 153 23.56 6.57 -22.94
N GLU B 154 24.13 6.51 -21.74
CA GLU B 154 23.34 6.41 -20.54
C GLU B 154 22.64 7.67 -20.18
N ARG B 155 21.47 7.56 -19.58
CA ARG B 155 20.75 8.70 -19.09
C ARG B 155 20.37 8.43 -17.67
N GLN B 156 20.74 9.31 -16.77
CA GLN B 156 20.51 9.04 -15.38
C GLN B 156 19.34 9.75 -14.81
N ASN B 157 19.03 10.87 -15.41
CA ASN B 157 18.14 11.83 -14.83
C ASN B 157 17.04 11.88 -15.83
N GLY B 158 15.81 11.94 -15.39
CA GLY B 158 14.71 11.82 -16.34
C GLY B 158 13.85 10.65 -15.88
N VAL B 159 14.38 9.80 -15.02
CA VAL B 159 13.78 8.51 -14.74
C VAL B 159 13.03 8.45 -13.44
N LEU B 160 11.94 7.70 -13.44
CA LEU B 160 11.09 7.52 -12.29
C LEU B 160 10.78 6.05 -12.13
N ASN B 161 11.21 5.43 -11.03
CA ASN B 161 11.08 4.01 -10.86
C ASN B 161 10.10 3.61 -9.77
N SER B 162 9.48 2.46 -9.93
CA SER B 162 8.53 2.02 -8.95
C SER B 162 8.57 0.53 -8.85
N TRP B 163 8.56 0.04 -7.63
CA TRP B 163 8.62 -1.39 -7.41
C TRP B 163 7.38 -1.84 -6.63
N THR B 164 6.84 -2.96 -7.06
CA THR B 164 5.73 -3.61 -6.44
C THR B 164 6.18 -4.26 -5.16
N ASP B 165 5.23 -4.55 -4.30
CA ASP B 165 5.44 -5.37 -3.15
C ASP B 165 5.46 -6.77 -3.64
N GLN B 166 6.02 -7.71 -2.93
CA GLN B 166 6.13 -9.06 -3.42
C GLN B 166 4.75 -9.54 -3.75
N ASP B 167 4.65 -10.17 -4.90
CA ASP B 167 3.41 -10.72 -5.44
C ASP B 167 2.80 -11.82 -4.56
N SER B 168 1.51 -11.67 -4.22
CA SER B 168 0.78 -12.60 -3.36
C SER B 168 0.58 -14.01 -3.94
N LYS B 169 0.70 -14.13 -5.27
CA LYS B 169 0.47 -15.39 -5.99
C LYS B 169 1.72 -16.25 -6.30
N ASP B 170 2.76 -15.67 -6.90
CA ASP B 170 4.00 -16.43 -7.22
C ASP B 170 5.29 -15.95 -6.49
N SER B 171 5.11 -15.19 -5.42
CA SER B 171 6.22 -14.65 -4.64
C SER B 171 7.30 -13.92 -5.47
N THR B 172 6.92 -13.26 -6.57
CA THR B 172 7.93 -12.57 -7.42
C THR B 172 7.89 -11.04 -7.27
N TYR B 173 8.78 -10.36 -8.00
CA TYR B 173 8.85 -8.90 -7.98
C TYR B 173 8.58 -8.25 -9.38
N SER B 174 8.07 -7.01 -9.37
CA SER B 174 7.91 -6.23 -10.62
C SER B 174 8.43 -4.79 -10.45
N MET B 175 8.98 -4.25 -11.51
CA MET B 175 9.42 -2.88 -11.53
C MET B 175 8.89 -2.13 -12.72
N SER B 176 8.53 -0.87 -12.55
CA SER B 176 8.21 -0.01 -13.66
C SER B 176 9.18 1.15 -13.67
N SER B 177 9.84 1.33 -14.80
CA SER B 177 10.74 2.44 -14.96
C SER B 177 10.29 3.32 -16.12
N THR B 178 10.07 4.60 -15.89
CA THR B 178 9.62 5.50 -16.93
C THR B 178 10.53 6.66 -17.21
N LEU B 179 11.15 6.68 -18.37
CA LEU B 179 11.95 7.83 -18.84
C LEU B 179 11.08 8.88 -19.55
N THR B 180 10.87 10.04 -18.92
CA THR B 180 9.96 11.03 -19.49
C THR B 180 10.72 12.30 -19.93
N LEU B 181 10.43 12.74 -21.16
CA LEU B 181 11.11 13.88 -21.79
C LEU B 181 10.19 15.01 -22.29
N THR B 182 10.80 16.06 -22.83
CA THR B 182 10.13 17.01 -23.71
C THR B 182 10.01 16.31 -25.06
N LYS B 183 9.02 16.67 -25.89
CA LYS B 183 8.90 16.00 -27.17
C LYS B 183 10.05 16.38 -28.11
N ASP B 184 10.54 17.58 -27.96
CA ASP B 184 11.58 18.09 -28.78
C ASP B 184 12.74 17.21 -28.57
N GLU B 185 12.94 16.79 -27.34
CA GLU B 185 14.03 15.93 -26.95
C GLU B 185 14.01 14.58 -27.55
N TYR B 186 12.84 14.03 -27.60
CA TYR B 186 12.67 12.69 -28.05
C TYR B 186 13.13 12.69 -29.47
N GLU B 187 12.95 13.81 -30.13
CA GLU B 187 13.08 13.87 -31.56
C GLU B 187 14.51 14.10 -32.00
N ARG B 188 15.41 14.22 -31.04
CA ARG B 188 16.80 14.50 -31.32
C ARG B 188 17.66 13.24 -31.44
N HIS B 189 17.10 12.10 -31.07
CA HIS B 189 17.84 10.86 -31.13
C HIS B 189 17.02 9.76 -31.68
N ASN B 190 17.54 8.55 -31.72
CA ASN B 190 16.89 7.43 -32.38
C ASN B 190 16.66 6.19 -31.54
N SER B 191 17.69 5.45 -31.16
CA SER B 191 17.46 4.24 -30.35
C SER B 191 17.20 4.62 -28.89
N TYR B 192 16.13 4.03 -28.34
CA TYR B 192 15.86 4.09 -26.91
C TYR B 192 15.90 2.67 -26.32
N THR B 193 16.75 2.51 -25.32
CA THR B 193 17.14 1.21 -24.78
C THR B 193 16.93 1.16 -23.28
N CYS B 194 16.32 0.10 -22.76
CA CYS B 194 16.48 -0.16 -21.32
C CYS B 194 17.15 -1.49 -21.10
N GLU B 195 18.25 -1.50 -20.39
CA GLU B 195 18.95 -2.72 -20.08
C GLU B 195 18.67 -3.03 -18.65
N ALA B 196 18.41 -4.28 -18.35
CA ALA B 196 18.11 -4.72 -17.01
C ALA B 196 19.22 -5.58 -16.52
N THR B 197 19.76 -5.25 -15.37
CA THR B 197 20.83 -6.04 -14.81
C THR B 197 20.28 -6.80 -13.66
N HIS B 198 20.11 -8.07 -13.86
CA HIS B 198 19.58 -8.88 -12.82
C HIS B 198 20.42 -10.09 -12.68
N LYS B 199 20.41 -10.66 -11.49
CA LYS B 199 21.31 -11.69 -11.05
C LYS B 199 21.23 -12.96 -11.85
N THR B 200 20.15 -13.16 -12.56
CA THR B 200 19.93 -14.45 -13.19
C THR B 200 20.77 -14.62 -14.41
N SER B 201 21.50 -13.58 -14.76
CA SER B 201 22.29 -13.62 -15.97
C SER B 201 23.41 -12.64 -15.88
N THR B 202 24.48 -12.96 -16.56
CA THR B 202 25.69 -12.18 -16.49
C THR B 202 25.59 -11.04 -17.44
N SER B 203 24.78 -11.27 -18.46
CA SER B 203 24.58 -10.33 -19.54
C SER B 203 23.27 -9.67 -19.29
N PRO B 204 23.26 -8.37 -19.37
CA PRO B 204 22.04 -7.65 -19.07
C PRO B 204 21.03 -7.94 -20.12
N ILE B 205 19.76 -7.68 -19.83
CA ILE B 205 18.73 -7.91 -20.80
C ILE B 205 18.33 -6.66 -21.43
N VAL B 206 18.24 -6.68 -22.74
CA VAL B 206 17.93 -5.48 -23.47
C VAL B 206 16.69 -5.52 -24.25
N LYS B 207 15.85 -4.58 -23.96
CA LYS B 207 14.77 -4.29 -24.87
C LYS B 207 14.93 -2.88 -25.41
N SER B 208 15.06 -2.78 -26.73
CA SER B 208 15.08 -1.47 -27.37
C SER B 208 14.13 -1.29 -28.53
N PHE B 209 14.09 -0.04 -28.99
CA PHE B 209 13.49 0.33 -30.27
C PHE B 209 14.16 1.58 -30.88
N ASN B 210 14.03 1.71 -32.20
CA ASN B 210 14.48 2.89 -32.91
C ASN B 210 13.27 3.71 -33.45
N ARG B 211 13.36 5.03 -33.35
CA ARG B 211 12.25 5.92 -33.73
C ARG B 211 11.87 5.85 -35.22
N ASN B 212 12.87 5.60 -36.04
CA ASN B 212 12.68 5.52 -37.45
C ASN B 212 12.12 4.22 -37.88
N GLU B 213 11.63 3.43 -36.94
CA GLU B 213 11.02 2.18 -37.28
C GLU B 213 9.72 1.99 -36.53
N CYS B 214 9.14 3.08 -36.07
CA CYS B 214 7.95 3.00 -35.24
C CYS B 214 7.28 4.35 -35.13
N LEU C 5 -7.51 3.51 36.17
CA LEU C 5 -8.77 4.21 36.05
C LEU C 5 -9.26 4.19 34.61
N ALA C 6 -8.40 3.73 33.72
CA ALA C 6 -8.80 3.38 32.39
C ALA C 6 -8.58 1.89 32.18
N GLY C 7 -9.41 1.08 32.83
CA GLY C 7 -9.32 -0.35 32.79
C GLY C 7 -10.46 -0.74 31.93
N LEU C 8 -10.91 0.23 31.18
CA LEU C 8 -12.01 0.05 30.30
C LEU C 8 -11.43 -0.12 28.95
N PHE C 9 -10.10 -0.16 28.86
CA PHE C 9 -9.50 -0.29 27.56
C PHE C 9 -8.70 -1.55 27.50
N TYR C 10 -8.06 -1.90 28.60
CA TYR C 10 -7.35 -3.17 28.74
C TYR C 10 -7.41 -3.72 30.15
N GLN C 11 -7.27 -5.05 30.27
CA GLN C 11 -7.24 -5.79 31.54
C GLN C 11 -5.78 -6.22 31.79
N HIS C 12 -5.48 -6.61 33.03
CA HIS C 12 -4.12 -6.96 33.42
C HIS C 12 -3.86 -8.47 33.51
N LYS C 13 -4.27 -9.19 32.47
CA LYS C 13 -4.09 -10.64 32.43
C LYS C 13 -4.54 -11.29 33.73
#